data_7SJ3
#
_entry.id   7SJ3
#
_cell.length_a   117.654
_cell.length_b   117.654
_cell.length_c   170.278
_cell.angle_alpha   90.000
_cell.angle_beta   90.000
_cell.angle_gamma   120.000
#
_symmetry.space_group_name_H-M   'P 65 2 2'
#
loop_
_entity.id
_entity.type
_entity.pdbx_description
1 polymer 'Cyclin-dependent kinase 4'
2 polymer 'G1/S-specific cyclin-D3'
3 non-polymer 'N-{5-[(4-ethylpiperazin-1-yl)methyl]pyridin-2-yl}-5-fluoro-4-[4-fluoro-2-methyl-1-(propan-2-yl)-1H-benzimidazol-6-yl]py rimidin-2-amine'
4 water water
#
loop_
_entity_poly.entity_id
_entity_poly.type
_entity_poly.pdbx_seq_one_letter_code
_entity_poly.pdbx_strand_id
1 'polypeptide(L)'
;(ACE)ATSRYEPVAEIGVGAYGTVYKARDPHSGHFVALKSVRVPNGGGGGGGLPISTVREVALLRRLEAFEHPNVVRLMD
VCATSRTDREIKVTLVFEHVDQDLRTYLDKAPPPGLPAETIKDLMRQFLRGLDFLHANCIVHRDLKPENILVTSGGTVKL
ADFGLARIYSYQMAL(TPO)PVVVTLWYRAPEVLLQSTYATPVDMWSVGCIFAEMFRRKPLFCGNSEADQLGKIFDLIGL
PPEDDWPRDVSLPRGAFPPRGPRPVQSVVPEMEESGAQLLLEMLTFNPHKRISAFRALQHSYLHKDEGNPEEGHHHHHH
;
A
2 'polypeptide(L)'
;MELLCCEGTRHAPRAGPDPRLLGDQRVLQSLLRLEERYVPRASYFQCVQREIKPHMRKMLAYWMLEVCEEQRCEEEVFPL
AMNYLDRYLSCVPTRKAQLQLLGAVCMLLASKLRETTPLTIEKLCIYTDHAVSPRQLRDWEVLVLGKLKWDLAAVIAHDF
LAFILHRLSLPRDRQALVKKHAQTFLALCATDYTFAMYPPSMIATGSIGAAVQGLGACSMSGDELTELLAGITGTEVDCL
RACQEQIEAALRESLREAS
;
B
#
loop_
_chem_comp.id
_chem_comp.type
_chem_comp.name
_chem_comp.formula
6ZV non-polymer 'N-{5-[(4-ethylpiperazin-1-yl)methyl]pyridin-2-yl}-5-fluoro-4-[4-fluoro-2-methyl-1-(propan-2-yl)-1H-benzimidazol-6-yl]py rimidin-2-amine' 'C27 H32 F2 N8'
ACE non-polymer 'ACETYL GROUP' 'C2 H4 O'
#
# COMPACT_ATOMS: atom_id res chain seq x y z
C ACE A 1 20.32 -30.10 1.21
O ACE A 1 21.04 -29.26 1.74
CH3 ACE A 1 20.87 -31.20 0.34
N ALA A 2 19.01 -30.06 1.40
CA ALA A 2 18.06 -31.00 0.82
C ALA A 2 16.76 -30.26 0.57
N THR A 3 16.01 -30.71 -0.43
CA THR A 3 14.73 -30.11 -0.77
C THR A 3 13.59 -30.97 -0.25
N SER A 4 12.52 -30.30 0.14
CA SER A 4 11.27 -30.94 0.51
C SER A 4 10.16 -30.33 -0.34
N ARG A 5 9.01 -31.00 -0.38
CA ARG A 5 7.88 -30.55 -1.17
C ARG A 5 6.61 -30.61 -0.36
N TYR A 6 5.82 -29.55 -0.41
CA TYR A 6 4.48 -29.55 0.15
C TYR A 6 3.52 -30.02 -0.92
N GLU A 7 2.72 -30.98 -0.58
CA GLU A 7 1.77 -31.40 -1.58
C GLU A 7 0.39 -30.92 -1.18
N PRO A 8 -0.42 -30.48 -2.13
CA PRO A 8 -1.76 -29.99 -1.77
C PRO A 8 -2.62 -31.16 -1.31
N VAL A 9 -3.33 -30.95 -0.20
CA VAL A 9 -4.23 -31.96 0.34
C VAL A 9 -5.67 -31.49 0.44
N ALA A 10 -5.95 -30.21 0.23
CA ALA A 10 -7.32 -29.70 0.23
C ALA A 10 -7.35 -28.34 -0.47
N GLU A 11 -8.40 -28.13 -1.25
CA GLU A 11 -8.72 -26.81 -1.78
C GLU A 11 -9.52 -26.05 -0.74
N ILE A 12 -9.09 -24.83 -0.43
CA ILE A 12 -9.75 -24.09 0.65
C ILE A 12 -10.36 -22.81 0.13
N GLY A 13 -10.21 -22.51 -1.15
CA GLY A 13 -10.83 -21.37 -1.78
C GLY A 13 -10.49 -21.24 -3.25
N VAL A 14 -11.40 -20.68 -4.04
CA VAL A 14 -11.12 -20.46 -5.46
C VAL A 14 -11.67 -19.07 -5.76
N GLY A 15 -10.93 -18.31 -6.55
CA GLY A 15 -11.31 -16.99 -7.00
C GLY A 15 -10.71 -16.66 -8.34
N ALA A 16 -11.07 -15.47 -8.82
CA ALA A 16 -10.48 -15.02 -10.07
C ALA A 16 -8.98 -14.88 -9.86
N TYR A 17 -8.55 -14.65 -8.61
CA TYR A 17 -7.14 -14.50 -8.27
C TYR A 17 -6.38 -15.82 -8.38
N GLY A 18 -7.10 -16.94 -8.31
CA GLY A 18 -6.53 -18.26 -8.53
C GLY A 18 -7.09 -19.24 -7.52
N THR A 19 -6.25 -20.08 -6.90
CA THR A 19 -6.70 -21.06 -5.92
C THR A 19 -5.81 -21.10 -4.68
N VAL A 20 -6.45 -21.27 -3.52
CA VAL A 20 -5.72 -21.37 -2.26
C VAL A 20 -5.82 -22.82 -1.82
N TYR A 21 -4.71 -23.39 -1.35
CA TYR A 21 -4.66 -24.79 -0.97
C TYR A 21 -4.06 -24.95 0.42
N LYS A 22 -4.60 -25.89 1.18
CA LYS A 22 -3.88 -26.46 2.32
C LYS A 22 -2.89 -27.48 1.78
N ALA A 23 -1.63 -27.40 2.22
CA ALA A 23 -0.61 -28.28 1.68
C ALA A 23 0.22 -28.89 2.79
N ARG A 24 0.74 -30.08 2.52
CA ARG A 24 1.40 -30.87 3.55
C ARG A 24 2.66 -31.52 2.99
N ASP A 25 3.77 -31.38 3.71
CA ASP A 25 4.98 -32.12 3.39
C ASP A 25 4.76 -33.57 3.78
N PRO A 26 4.79 -34.52 2.84
CA PRO A 26 4.51 -35.92 3.20
C PRO A 26 5.59 -36.56 4.05
N HIS A 27 6.76 -35.94 4.19
CA HIS A 27 7.85 -36.51 4.98
C HIS A 27 7.96 -35.91 6.37
N SER A 28 7.58 -34.65 6.56
CA SER A 28 7.61 -34.03 7.87
C SER A 28 6.23 -33.90 8.51
N GLY A 29 5.17 -33.91 7.71
CA GLY A 29 3.83 -33.69 8.21
C GLY A 29 3.45 -32.25 8.46
N HIS A 30 4.34 -31.30 8.21
CA HIS A 30 4.02 -29.91 8.47
C HIS A 30 3.14 -29.37 7.35
N PHE A 31 2.30 -28.40 7.70
CA PHE A 31 1.34 -27.80 6.78
C PHE A 31 1.72 -26.37 6.45
N VAL A 32 1.34 -25.95 5.25
CA VAL A 32 1.34 -24.56 4.84
C VAL A 32 0.04 -24.30 4.08
N ALA A 33 -0.16 -23.05 3.69
CA ALA A 33 -1.18 -22.72 2.71
C ALA A 33 -0.51 -22.21 1.45
N LEU A 34 -1.04 -22.63 0.30
CA LEU A 34 -0.51 -22.22 -0.98
C LEU A 34 -1.60 -21.43 -1.68
N LYS A 35 -1.22 -20.30 -2.25
CA LYS A 35 -2.08 -19.48 -3.08
C LYS A 35 -1.44 -19.43 -4.46
N SER A 36 -2.14 -20.00 -5.45
CA SER A 36 -1.56 -20.11 -6.76
C SER A 36 -2.24 -19.09 -7.67
N VAL A 37 -1.38 -18.30 -8.33
CA VAL A 37 -1.72 -17.22 -9.25
C VAL A 37 -2.13 -17.74 -10.61
N ARG A 38 -3.31 -17.32 -11.04
CA ARG A 38 -3.89 -17.66 -12.32
C ARG A 38 -3.72 -16.53 -13.32
CA GLY A 46 2.47 -8.65 -24.19
C GLY A 46 1.52 -8.74 -23.02
N GLY A 47 2.02 -9.23 -21.88
CA GLY A 47 1.22 -9.35 -20.68
C GLY A 47 1.98 -8.99 -19.42
N GLY A 48 2.52 -10.00 -18.73
CA GLY A 48 3.24 -9.79 -17.49
C GLY A 48 2.45 -10.32 -16.30
N LEU A 49 3.05 -10.15 -15.13
CA LEU A 49 2.43 -10.63 -13.90
C LEU A 49 1.17 -9.83 -13.59
N PRO A 50 0.18 -10.46 -12.96
CA PRO A 50 -1.04 -9.72 -12.62
C PRO A 50 -0.74 -8.65 -11.57
N ILE A 51 -1.38 -7.50 -11.74
CA ILE A 51 -1.19 -6.37 -10.82
C ILE A 51 -1.53 -6.78 -9.38
N SER A 52 -2.63 -7.52 -9.20
CA SER A 52 -3.04 -7.93 -7.87
C SER A 52 -1.98 -8.78 -7.19
N THR A 53 -1.29 -9.61 -7.97
CA THR A 53 -0.26 -10.46 -7.38
C THR A 53 0.95 -9.62 -6.98
N VAL A 54 1.38 -8.71 -7.86
CA VAL A 54 2.51 -7.84 -7.53
C VAL A 54 2.19 -7.01 -6.30
N ARG A 55 0.96 -6.46 -6.22
CA ARG A 55 0.61 -5.63 -5.05
C ARG A 55 0.54 -6.46 -3.77
N GLU A 56 -0.15 -7.60 -3.82
CA GLU A 56 -0.31 -8.40 -2.60
C GLU A 56 1.03 -8.84 -2.05
N VAL A 57 1.91 -9.34 -2.92
CA VAL A 57 3.21 -9.82 -2.46
C VAL A 57 4.04 -8.65 -1.93
N ALA A 58 4.04 -7.51 -2.63
CA ALA A 58 4.82 -6.36 -2.18
C ALA A 58 4.38 -5.88 -0.80
N LEU A 59 3.07 -5.82 -0.55
CA LEU A 59 2.59 -5.35 0.75
C LEU A 59 2.96 -6.33 1.86
N LEU A 60 2.79 -7.63 1.61
CA LEU A 60 3.16 -8.63 2.60
C LEU A 60 4.66 -8.60 2.89
N ARG A 61 5.47 -8.41 1.84
CA ARG A 61 6.92 -8.32 2.04
C ARG A 61 7.29 -7.12 2.90
N ARG A 62 6.59 -6.00 2.70
CA ARG A 62 6.85 -4.83 3.54
C ARG A 62 6.44 -5.10 4.98
N LEU A 63 5.29 -5.75 5.18
CA LEU A 63 4.80 -6.06 6.52
C LEU A 63 5.58 -7.17 7.20
N GLU A 64 6.26 -8.02 6.43
CA GLU A 64 7.00 -9.13 7.03
C GLU A 64 8.12 -8.65 7.93
N ALA A 65 8.57 -7.41 7.76
CA ALA A 65 9.64 -6.90 8.59
C ALA A 65 9.22 -6.73 10.05
N PHE A 66 7.91 -6.73 10.34
CA PHE A 66 7.43 -6.52 11.70
C PHE A 66 7.00 -7.80 12.40
N GLU A 67 6.64 -8.86 11.68
CA GLU A 67 6.19 -10.11 12.30
C GLU A 67 5.02 -9.88 13.26
N HIS A 68 4.04 -9.09 12.82
CA HIS A 68 2.90 -8.82 13.69
C HIS A 68 2.08 -10.10 13.87
N PRO A 69 1.59 -10.36 15.09
CA PRO A 69 0.90 -11.63 15.35
C PRO A 69 -0.48 -11.76 14.75
N ASN A 70 -1.09 -10.67 14.26
CA ASN A 70 -2.46 -10.70 13.78
C ASN A 70 -2.56 -10.53 12.28
N VAL A 71 -1.49 -10.84 11.55
CA VAL A 71 -1.49 -10.87 10.10
C VAL A 71 -0.87 -12.20 9.68
N VAL A 72 -1.43 -12.81 8.63
CA VAL A 72 -0.84 -14.03 8.10
C VAL A 72 0.59 -13.74 7.68
N ARG A 73 1.45 -14.76 7.81
CA ARG A 73 2.85 -14.62 7.49
C ARG A 73 3.14 -15.24 6.14
N LEU A 74 3.62 -14.42 5.21
CA LEU A 74 4.11 -14.92 3.94
C LEU A 74 5.51 -15.48 4.16
N MET A 75 5.67 -16.77 3.88
CA MET A 75 6.90 -17.53 4.05
C MET A 75 7.80 -17.50 2.82
N ASP A 76 7.22 -17.50 1.62
CA ASP A 76 7.98 -17.74 0.40
C ASP A 76 7.11 -17.38 -0.79
N VAL A 77 7.77 -17.09 -1.91
CA VAL A 77 7.09 -16.83 -3.18
C VAL A 77 7.89 -17.52 -4.27
N CYS A 78 7.31 -18.58 -4.84
CA CYS A 78 7.92 -19.42 -5.85
C CYS A 78 7.31 -19.08 -7.20
N ALA A 79 8.18 -18.78 -8.17
CA ALA A 79 7.77 -18.63 -9.56
C ALA A 79 8.47 -19.70 -10.37
N THR A 80 7.69 -20.59 -10.97
CA THR A 80 8.22 -21.69 -11.76
C THR A 80 7.68 -21.63 -13.18
N SER A 81 8.27 -22.45 -14.05
CA SER A 81 7.88 -22.49 -15.45
C SER A 81 8.29 -23.81 -16.10
N ASP A 84 7.61 -24.29 -20.15
CA ASP A 84 6.29 -24.02 -20.71
C ASP A 84 6.08 -22.51 -20.89
N ARG A 85 5.12 -22.16 -21.74
CA ARG A 85 4.85 -20.76 -22.03
C ARG A 85 4.33 -20.00 -20.82
N GLU A 86 3.38 -20.60 -20.09
CA GLU A 86 2.79 -19.94 -18.93
C GLU A 86 3.58 -20.22 -17.65
N ILE A 87 3.90 -19.15 -16.93
CA ILE A 87 4.60 -19.18 -15.64
C ILE A 87 3.58 -19.24 -14.52
N LYS A 88 3.87 -20.00 -13.46
CA LYS A 88 2.97 -20.12 -12.33
C LYS A 88 3.63 -19.53 -11.10
N VAL A 89 2.93 -18.61 -10.44
CA VAL A 89 3.39 -18.01 -9.20
C VAL A 89 2.65 -18.65 -8.03
N THR A 90 3.39 -19.02 -6.99
CA THR A 90 2.84 -19.68 -5.81
C THR A 90 3.29 -18.94 -4.57
N LEU A 91 2.35 -18.43 -3.79
CA LEU A 91 2.66 -17.82 -2.50
C LEU A 91 2.50 -18.87 -1.41
N VAL A 92 3.45 -18.91 -0.47
CA VAL A 92 3.42 -19.87 0.63
C VAL A 92 3.18 -19.11 1.94
N PHE A 93 2.12 -19.50 2.64
CA PHE A 93 1.73 -18.91 3.91
C PHE A 93 1.83 -19.97 4.99
N GLU A 94 2.15 -19.53 6.22
CA GLU A 94 1.92 -20.37 7.38
C GLU A 94 0.45 -20.70 7.50
N HIS A 95 0.16 -21.98 7.75
CA HIS A 95 -1.20 -22.46 7.71
C HIS A 95 -1.98 -22.05 8.96
N VAL A 96 -3.23 -21.64 8.74
CA VAL A 96 -4.18 -21.35 9.82
C VAL A 96 -5.35 -22.32 9.64
N ASP A 97 -5.89 -22.80 10.76
CA ASP A 97 -6.80 -23.94 10.69
C ASP A 97 -8.17 -23.55 10.16
N GLN A 98 -8.59 -22.31 10.35
CA GLN A 98 -9.97 -21.97 10.05
C GLN A 98 -10.11 -20.46 9.90
N ASP A 99 -11.28 -20.05 9.44
CA ASP A 99 -11.66 -18.65 9.37
C ASP A 99 -12.64 -18.33 10.51
N LEU A 100 -13.08 -17.08 10.55
CA LEU A 100 -13.92 -16.64 11.65
C LEU A 100 -15.28 -17.34 11.67
N ARG A 101 -15.84 -17.67 10.50
CA ARG A 101 -17.12 -18.37 10.45
C ARG A 101 -17.01 -19.75 11.10
N THR A 102 -15.97 -20.51 10.74
CA THR A 102 -15.72 -21.84 11.31
C THR A 102 -15.46 -21.78 12.81
N TYR A 103 -14.84 -20.69 13.26
CA TYR A 103 -14.50 -20.46 14.67
C TYR A 103 -15.73 -20.19 15.52
N LEU A 104 -16.76 -19.57 14.94
CA LEU A 104 -17.94 -19.18 15.70
C LEU A 104 -18.93 -20.33 15.83
N ASP A 105 -19.26 -21.02 14.76
CA ASP A 105 -20.24 -22.10 14.89
C ASP A 105 -19.66 -23.30 15.67
N LYS A 106 -18.91 -23.02 16.74
CA LYS A 106 -18.31 -24.02 17.61
C LYS A 106 -18.52 -23.60 19.07
N ALA A 107 -19.77 -23.54 19.50
CA ALA A 107 -20.08 -23.15 20.88
C ALA A 107 -19.73 -24.25 21.87
N PRO A 113 -20.18 -16.62 24.26
CA PRO A 113 -19.30 -16.56 25.44
C PRO A 113 -18.87 -15.13 25.75
N ALA A 114 -19.15 -14.22 24.82
CA ALA A 114 -18.84 -12.79 24.87
C ALA A 114 -17.42 -12.44 25.33
N GLU A 115 -16.81 -13.24 26.20
CA GLU A 115 -15.46 -12.94 26.65
C GLU A 115 -14.46 -13.12 25.50
N THR A 116 -14.70 -14.15 24.68
CA THR A 116 -13.87 -14.45 23.53
C THR A 116 -14.04 -13.38 22.45
N ILE A 117 -15.28 -12.92 22.23
CA ILE A 117 -15.53 -11.89 21.24
C ILE A 117 -14.75 -10.62 21.56
N LYS A 118 -14.65 -10.23 22.84
CA LYS A 118 -13.85 -9.06 23.15
C LYS A 118 -12.38 -9.30 22.83
N ASP A 119 -11.87 -10.49 23.11
CA ASP A 119 -10.47 -10.76 22.78
C ASP A 119 -10.28 -10.89 21.27
N LEU A 120 -11.21 -11.58 20.60
CA LEU A 120 -11.21 -11.64 19.15
C LEU A 120 -11.27 -10.24 18.56
N MET A 121 -12.14 -9.40 19.10
CA MET A 121 -12.27 -8.03 18.61
C MET A 121 -11.01 -7.25 18.90
N ARG A 122 -10.39 -7.50 20.05
CA ARG A 122 -9.14 -6.83 20.41
C ARG A 122 -8.05 -7.15 19.39
N GLN A 123 -7.89 -8.44 19.07
CA GLN A 123 -6.90 -8.84 18.07
C GLN A 123 -7.23 -8.32 16.69
N PHE A 124 -8.50 -8.41 16.29
CA PHE A 124 -8.95 -7.86 15.01
C PHE A 124 -8.57 -6.38 14.89
N LEU A 125 -8.82 -5.60 15.93
CA LEU A 125 -8.50 -4.18 15.90
C LEU A 125 -7.00 -3.93 15.92
N ARG A 126 -6.27 -4.74 16.68
CA ARG A 126 -4.80 -4.63 16.69
C ARG A 126 -4.21 -4.84 15.31
N GLY A 127 -4.68 -5.86 14.60
CA GLY A 127 -4.16 -6.11 13.26
C GLY A 127 -4.47 -5.01 12.27
N LEU A 128 -5.70 -4.49 12.32
CA LEU A 128 -6.08 -3.41 11.42
C LEU A 128 -5.37 -2.11 11.79
N ASP A 129 -5.23 -1.84 13.08
CA ASP A 129 -4.47 -0.65 13.50
C ASP A 129 -3.02 -0.75 13.05
N PHE A 130 -2.46 -1.97 13.07
CA PHE A 130 -1.11 -2.18 12.55
C PHE A 130 -1.03 -1.92 11.05
N LEU A 131 -2.07 -2.31 10.30
CA LEU A 131 -2.10 -1.99 8.88
C LEU A 131 -2.21 -0.48 8.66
N HIS A 132 -3.19 0.15 9.31
CA HIS A 132 -3.40 1.58 9.12
C HIS A 132 -2.18 2.38 9.57
N ALA A 133 -1.58 1.99 10.70
CA ALA A 133 -0.37 2.65 11.15
C ALA A 133 0.80 2.41 10.20
N ASN A 134 0.65 1.50 9.24
CA ASN A 134 1.65 1.22 8.21
C ASN A 134 1.22 1.75 6.85
N CYS A 135 0.22 2.64 6.80
CA CYS A 135 -0.29 3.27 5.58
C CYS A 135 -1.00 2.30 4.66
N ILE A 136 -1.53 1.20 5.18
CA ILE A 136 -2.13 0.16 4.36
C ILE A 136 -3.63 0.15 4.62
N VAL A 137 -4.40 0.17 3.54
CA VAL A 137 -5.85 0.00 3.58
C VAL A 137 -6.15 -1.37 2.99
N HIS A 138 -6.99 -2.14 3.68
CA HIS A 138 -7.27 -3.50 3.25
C HIS A 138 -8.25 -3.55 2.08
N ARG A 139 -9.42 -2.91 2.24
CA ARG A 139 -10.43 -2.74 1.20
C ARG A 139 -11.12 -4.05 0.83
N ASP A 140 -11.02 -5.09 1.67
CA ASP A 140 -11.75 -6.32 1.41
C ASP A 140 -11.93 -7.12 2.70
N LEU A 141 -12.20 -6.44 3.81
CA LEU A 141 -12.42 -7.13 5.06
C LEU A 141 -13.76 -7.86 5.01
N LYS A 142 -13.77 -9.13 5.37
CA LYS A 142 -14.99 -9.92 5.44
C LYS A 142 -14.70 -11.16 6.27
N PRO A 143 -15.73 -11.88 6.71
CA PRO A 143 -15.49 -13.06 7.57
C PRO A 143 -14.59 -14.10 6.93
N GLU A 144 -14.62 -14.24 5.61
CA GLU A 144 -13.79 -15.23 4.94
C GLU A 144 -12.31 -14.88 5.05
N ASN A 145 -11.98 -13.58 5.09
CA ASN A 145 -10.60 -13.12 5.16
C ASN A 145 -10.09 -12.95 6.58
N ILE A 146 -10.89 -13.30 7.58
CA ILE A 146 -10.47 -13.21 8.97
C ILE A 146 -10.29 -14.64 9.45
N LEU A 147 -9.04 -15.03 9.67
CA LEU A 147 -8.69 -16.39 10.08
C LEU A 147 -8.39 -16.44 11.57
N VAL A 148 -8.54 -17.64 12.14
CA VAL A 148 -8.31 -17.85 13.56
C VAL A 148 -7.57 -19.17 13.69
N THR A 149 -6.40 -19.14 14.33
CA THR A 149 -5.67 -20.37 14.57
C THR A 149 -6.41 -21.23 15.59
N SER A 150 -5.95 -22.47 15.73
CA SER A 150 -6.55 -23.34 16.74
C SER A 150 -6.37 -22.79 18.14
N GLY A 151 -5.31 -22.02 18.38
CA GLY A 151 -5.09 -21.38 19.67
C GLY A 151 -5.85 -20.11 19.92
N GLY A 152 -6.70 -19.68 18.98
CA GLY A 152 -7.52 -18.51 19.16
C GLY A 152 -6.91 -17.20 18.69
N THR A 153 -5.83 -17.24 17.91
CA THR A 153 -5.15 -16.04 17.45
C THR A 153 -5.76 -15.59 16.12
N VAL A 154 -6.23 -14.35 16.05
CA VAL A 154 -6.81 -13.81 14.82
C VAL A 154 -5.70 -13.49 13.83
N LYS A 155 -5.91 -13.87 12.56
CA LYS A 155 -4.97 -13.59 11.50
C LYS A 155 -5.69 -12.99 10.31
N LEU A 156 -5.33 -11.77 9.94
CA LEU A 156 -5.90 -11.13 8.78
C LEU A 156 -5.27 -11.69 7.51
N ALA A 157 -6.09 -11.93 6.49
CA ALA A 157 -5.63 -12.54 5.27
C ALA A 157 -6.20 -11.79 4.06
N ASP A 158 -5.72 -12.20 2.88
CA ASP A 158 -6.14 -11.71 1.58
C ASP A 158 -5.80 -10.24 1.38
N PHE A 159 -4.59 -9.94 0.90
CA PHE A 159 -4.17 -8.58 0.63
C PHE A 159 -4.09 -8.27 -0.85
N GLY A 160 -4.79 -9.05 -1.68
CA GLY A 160 -4.81 -8.82 -3.11
C GLY A 160 -5.55 -7.57 -3.54
N LEU A 161 -6.43 -7.03 -2.70
CA LEU A 161 -7.13 -5.77 -2.99
C LEU A 161 -6.58 -4.58 -2.23
N ALA A 162 -5.54 -4.77 -1.42
CA ALA A 162 -5.00 -3.75 -0.52
C ALA A 162 -4.01 -2.84 -1.24
N ARG A 163 -3.83 -1.65 -0.67
CA ARG A 163 -2.92 -0.66 -1.25
C ARG A 163 -2.33 0.19 -0.14
N ILE A 164 -1.14 0.72 -0.42
CA ILE A 164 -0.62 1.85 0.33
C ILE A 164 -1.37 3.10 -0.10
N TYR A 165 -1.92 3.83 0.87
CA TYR A 165 -2.68 5.03 0.60
C TYR A 165 -1.75 6.24 0.56
N SER A 166 -1.70 6.90 -0.60
CA SER A 166 -0.81 8.03 -0.83
C SER A 166 -1.64 9.21 -1.32
N TYR A 167 -1.61 10.31 -0.56
CA TYR A 167 -2.27 11.57 -0.91
C TYR A 167 -2.05 11.93 -2.37
N GLN A 168 -3.16 12.15 -3.09
CA GLN A 168 -3.27 12.58 -4.50
C GLN A 168 -3.21 11.44 -5.50
N MET A 169 -3.03 10.18 -5.09
CA MET A 169 -3.03 9.08 -6.04
C MET A 169 -4.44 8.78 -6.53
N ALA A 170 -4.53 8.23 -7.74
CA ALA A 170 -5.81 7.77 -8.25
C ALA A 170 -6.27 6.53 -7.51
N LEU A 171 -7.58 6.41 -7.34
CA LEU A 171 -8.15 5.28 -6.60
C LEU A 171 -9.06 4.42 -7.48
N TPO A 172 -9.00 3.11 -7.25
CA TPO A 172 -9.95 2.18 -7.88
CB TPO A 172 -9.50 0.73 -7.65
CG2 TPO A 172 -10.61 -0.22 -8.11
OG1 TPO A 172 -8.34 0.48 -8.45
P TPO A 172 -7.01 0.36 -7.53
O1P TPO A 172 -7.07 1.42 -6.32
O2P TPO A 172 -5.73 0.66 -8.46
O3P TPO A 172 -6.90 -1.00 -6.95
C TPO A 172 -11.35 2.44 -7.31
O TPO A 172 -11.58 2.28 -6.11
N PRO A 173 -12.27 2.88 -8.18
CA PRO A 173 -13.58 3.41 -7.75
C PRO A 173 -14.47 2.42 -6.98
N VAL A 174 -14.54 1.17 -7.41
CA VAL A 174 -15.39 0.17 -6.76
C VAL A 174 -14.50 -0.83 -6.04
N VAL A 175 -14.60 -0.86 -4.71
CA VAL A 175 -13.85 -1.78 -3.86
C VAL A 175 -14.79 -2.34 -2.79
N VAL A 176 -14.32 -3.39 -2.11
CA VAL A 176 -15.03 -4.10 -1.05
C VAL A 176 -16.23 -4.88 -1.62
N THR A 177 -16.47 -6.08 -1.10
CA THR A 177 -17.67 -6.82 -1.49
C THR A 177 -18.92 -6.08 -1.00
N LEU A 178 -20.04 -6.36 -1.66
CA LEU A 178 -21.23 -5.51 -1.55
C LEU A 178 -21.70 -5.37 -0.10
N TRP A 179 -21.84 -6.51 0.61
CA TRP A 179 -22.46 -6.47 1.93
C TRP A 179 -21.61 -5.79 2.99
N TYR A 180 -20.32 -5.58 2.73
CA TYR A 180 -19.44 -4.92 3.69
C TYR A 180 -18.90 -3.59 3.16
N ARG A 181 -19.50 -3.05 2.10
CA ARG A 181 -18.98 -1.85 1.46
C ARG A 181 -19.52 -0.61 2.15
N ALA A 182 -18.64 0.39 2.31
CA ALA A 182 -19.02 1.60 3.04
C ALA A 182 -19.94 2.46 2.19
N PRO A 183 -20.75 3.31 2.83
CA PRO A 183 -21.68 4.14 2.04
C PRO A 183 -20.99 5.10 1.10
N GLU A 184 -19.83 5.66 1.49
CA GLU A 184 -19.15 6.59 0.60
C GLU A 184 -18.70 5.90 -0.67
N VAL A 185 -18.35 4.62 -0.58
CA VAL A 185 -17.98 3.86 -1.76
C VAL A 185 -19.22 3.47 -2.55
N LEU A 186 -20.30 3.08 -1.86
CA LEU A 186 -21.56 2.77 -2.54
C LEU A 186 -22.07 3.96 -3.33
N LEU A 187 -21.91 5.17 -2.79
CA LEU A 187 -22.30 6.40 -3.48
C LEU A 187 -21.25 6.87 -4.47
N GLN A 188 -20.22 6.06 -4.74
CA GLN A 188 -19.18 6.38 -5.72
C GLN A 188 -18.44 7.66 -5.34
N SER A 189 -18.23 7.86 -4.04
CA SER A 189 -17.45 8.96 -3.51
C SER A 189 -16.02 8.50 -3.21
N THR A 190 -15.15 9.47 -2.93
CA THR A 190 -13.81 9.12 -2.52
C THR A 190 -13.83 8.48 -1.13
N TYR A 191 -12.72 7.83 -0.78
CA TYR A 191 -12.67 7.05 0.44
C TYR A 191 -11.23 6.97 0.92
N ALA A 192 -11.06 6.51 2.15
CA ALA A 192 -9.75 6.35 2.76
C ALA A 192 -9.76 5.22 3.77
N THR A 193 -8.94 5.32 4.83
CA THR A 193 -8.88 4.26 5.82
C THR A 193 -10.21 3.93 6.50
N PRO A 194 -11.17 4.85 6.66
CA PRO A 194 -12.43 4.46 7.32
C PRO A 194 -13.19 3.34 6.63
N VAL A 195 -12.88 3.03 5.36
CA VAL A 195 -13.64 1.97 4.69
C VAL A 195 -13.44 0.65 5.41
N ASP A 196 -12.22 0.41 5.90
CA ASP A 196 -11.98 -0.83 6.63
C ASP A 196 -12.73 -0.82 7.96
N MET A 197 -12.90 0.37 8.55
CA MET A 197 -13.58 0.45 9.84
C MET A 197 -15.06 0.17 9.70
N TRP A 198 -15.66 0.53 8.55
CA TRP A 198 -17.05 0.17 8.29
C TRP A 198 -17.19 -1.35 8.22
N SER A 199 -16.24 -2.02 7.57
CA SER A 199 -16.28 -3.48 7.51
C SER A 199 -16.13 -4.08 8.90
N VAL A 200 -15.26 -3.48 9.72
CA VAL A 200 -15.07 -3.93 11.10
C VAL A 200 -16.38 -3.85 11.87
N GLY A 201 -17.14 -2.77 11.70
CA GLY A 201 -18.42 -2.66 12.37
C GLY A 201 -19.37 -3.77 11.94
N CYS A 202 -19.46 -4.00 10.63
CA CYS A 202 -20.28 -5.08 10.11
C CYS A 202 -19.84 -6.42 10.69
N ILE A 203 -18.53 -6.64 10.81
CA ILE A 203 -18.04 -7.92 11.33
C ILE A 203 -18.28 -8.01 12.84
N PHE A 204 -18.16 -6.89 13.54
CA PHE A 204 -18.42 -6.87 14.98
C PHE A 204 -19.86 -7.29 15.28
N ALA A 205 -20.82 -6.71 14.55
CA ALA A 205 -22.21 -7.08 14.71
C ALA A 205 -22.49 -8.50 14.24
N GLU A 206 -21.77 -8.98 13.22
CA GLU A 206 -22.04 -10.32 12.70
C GLU A 206 -21.62 -11.40 13.69
N MET A 207 -20.69 -11.09 14.59
CA MET A 207 -20.31 -12.04 15.63
C MET A 207 -21.44 -12.30 16.61
N PHE A 208 -22.37 -11.35 16.77
CA PHE A 208 -23.56 -11.56 17.57
C PHE A 208 -24.75 -12.07 16.76
N ARG A 209 -24.91 -11.61 15.52
CA ARG A 209 -26.08 -12.03 14.74
C ARG A 209 -25.92 -13.44 14.18
N ARG A 210 -24.68 -13.84 13.83
CA ARG A 210 -24.42 -15.05 13.06
C ARG A 210 -25.13 -15.04 11.70
N LYS A 211 -25.31 -13.85 11.13
CA LYS A 211 -25.95 -13.65 9.84
C LYS A 211 -25.53 -12.27 9.38
N PRO A 212 -25.30 -12.05 8.09
CA PRO A 212 -24.85 -10.73 7.64
C PRO A 212 -25.85 -9.63 7.99
N LEU A 213 -25.32 -8.48 8.39
CA LEU A 213 -26.15 -7.37 8.85
C LEU A 213 -26.89 -6.70 7.69
N PHE A 214 -26.18 -6.41 6.60
CA PHE A 214 -26.76 -5.77 5.42
C PHE A 214 -26.61 -6.70 4.22
N CYS A 215 -27.66 -7.47 3.93
CA CYS A 215 -27.70 -8.32 2.74
C CYS A 215 -28.49 -7.58 1.68
N GLY A 216 -27.82 -6.63 1.03
CA GLY A 216 -28.48 -5.92 -0.05
C GLY A 216 -28.47 -6.71 -1.35
N ASN A 217 -29.39 -6.34 -2.23
CA ASN A 217 -29.49 -6.99 -3.52
C ASN A 217 -28.68 -6.28 -4.59
N SER A 218 -28.36 -5.00 -4.38
CA SER A 218 -27.59 -4.19 -5.31
C SER A 218 -26.92 -3.08 -4.51
N GLU A 219 -26.27 -2.15 -5.21
CA GLU A 219 -25.65 -1.02 -4.52
C GLU A 219 -26.70 -0.13 -3.89
N ALA A 220 -27.78 0.18 -4.63
CA ALA A 220 -28.85 1.00 -4.10
C ALA A 220 -29.60 0.28 -2.99
N ASP A 221 -29.79 -1.03 -3.16
CA ASP A 221 -30.46 -1.82 -2.12
C ASP A 221 -29.61 -1.93 -0.87
N GLN A 222 -28.29 -1.97 -1.03
CA GLN A 222 -27.41 -1.98 0.13
C GLN A 222 -27.51 -0.68 0.92
N LEU A 223 -27.52 0.47 0.23
CA LEU A 223 -27.67 1.75 0.92
C LEU A 223 -29.00 1.84 1.64
N GLY A 224 -30.06 1.30 1.02
CA GLY A 224 -31.37 1.33 1.66
C GLY A 224 -31.42 0.51 2.93
N LYS A 225 -30.83 -0.69 2.89
CA LYS A 225 -30.79 -1.49 4.11
C LYS A 225 -29.93 -0.81 5.17
N ILE A 226 -28.85 -0.15 4.76
CA ILE A 226 -28.01 0.59 5.69
C ILE A 226 -28.79 1.72 6.34
N PHE A 227 -29.51 2.52 5.52
CA PHE A 227 -30.24 3.65 6.06
C PHE A 227 -31.40 3.23 6.96
N ASP A 228 -31.91 2.01 6.80
CA ASP A 228 -33.00 1.55 7.63
C ASP A 228 -32.59 1.41 9.09
N LEU A 229 -31.31 1.15 9.35
CA LEU A 229 -30.84 1.01 10.72
C LEU A 229 -30.10 2.25 11.22
N ILE A 230 -29.15 2.76 10.44
CA ILE A 230 -28.38 3.93 10.87
C ILE A 230 -29.19 5.22 10.77
N GLY A 231 -30.27 5.21 10.00
CA GLY A 231 -31.05 6.39 9.73
C GLY A 231 -30.46 7.22 8.62
N LEU A 232 -31.31 7.94 7.91
CA LEU A 232 -30.90 8.79 6.79
C LEU A 232 -30.11 10.01 7.26
N PRO A 233 -28.89 10.22 6.76
CA PRO A 233 -28.15 11.42 7.17
C PRO A 233 -28.86 12.66 6.72
N PRO A 234 -28.71 13.77 7.45
CA PRO A 234 -29.49 14.98 7.14
C PRO A 234 -29.20 15.56 5.77
N GLU A 235 -28.23 16.45 5.69
CA GLU A 235 -27.82 17.09 4.45
C GLU A 235 -26.38 17.55 4.61
N ASP A 236 -26.07 18.10 5.79
CA ASP A 236 -24.70 18.51 6.07
C ASP A 236 -23.74 17.33 6.14
N ASP A 237 -24.26 16.11 6.26
CA ASP A 237 -23.43 14.91 6.26
C ASP A 237 -23.43 14.17 4.92
N TRP A 238 -24.31 14.53 3.99
CA TRP A 238 -24.33 13.83 2.72
C TRP A 238 -23.12 14.22 1.87
N PRO A 239 -22.46 13.25 1.23
CA PRO A 239 -21.28 13.59 0.44
C PRO A 239 -21.64 14.46 -0.75
N ARG A 240 -20.72 15.37 -1.09
CA ARG A 240 -20.98 16.33 -2.16
C ARG A 240 -20.52 15.85 -3.53
N ASP A 241 -19.58 14.91 -3.61
CA ASP A 241 -19.03 14.46 -4.88
C ASP A 241 -19.74 13.20 -5.38
N VAL A 242 -21.04 13.11 -5.13
CA VAL A 242 -21.86 11.99 -5.57
C VAL A 242 -22.93 12.52 -6.51
N SER A 243 -23.45 11.63 -7.35
CA SER A 243 -24.49 12.02 -8.30
C SER A 243 -25.89 11.79 -7.72
N LEU A 244 -26.10 10.67 -7.03
CA LEU A 244 -27.40 10.39 -6.42
C LEU A 244 -27.57 11.26 -5.19
N PRO A 245 -28.55 12.16 -5.15
CA PRO A 245 -28.69 13.05 -4.00
C PRO A 245 -29.39 12.38 -2.82
N ARG A 246 -29.42 13.11 -1.70
CA ARG A 246 -30.05 12.61 -0.48
C ARG A 246 -31.55 12.43 -0.64
N GLY A 247 -32.21 13.26 -1.46
CA GLY A 247 -33.64 13.14 -1.63
C GLY A 247 -34.09 11.90 -2.38
N ALA A 248 -33.16 11.06 -2.83
CA ALA A 248 -33.51 9.81 -3.49
C ALA A 248 -33.83 8.69 -2.51
N PHE A 249 -33.58 8.89 -1.21
CA PHE A 249 -33.84 7.82 -0.27
C PHE A 249 -34.89 8.23 0.76
N PRO A 250 -35.72 7.29 1.22
CA PRO A 250 -36.75 7.64 2.20
C PRO A 250 -36.16 7.96 3.55
N PRO A 251 -36.81 8.80 4.36
CA PRO A 251 -36.33 9.11 5.70
C PRO A 251 -36.41 7.89 6.61
N ARG A 252 -35.37 7.67 7.41
CA ARG A 252 -35.32 6.52 8.29
C ARG A 252 -34.69 6.91 9.62
N GLY A 253 -35.14 6.25 10.69
CA GLY A 253 -34.60 6.46 12.01
C GLY A 253 -33.76 5.32 12.56
N PRO A 254 -32.94 5.64 13.56
CA PRO A 254 -32.05 4.63 14.15
C PRO A 254 -32.79 3.62 15.02
N ARG A 255 -32.27 2.40 15.02
CA ARG A 255 -32.79 1.27 15.81
C ARG A 255 -34.16 0.83 15.29
N PRO A 262 -27.97 -6.71 18.32
CA PRO A 262 -29.34 -7.12 18.68
C PRO A 262 -29.42 -7.74 20.07
N GLU A 263 -28.33 -8.35 20.53
CA GLU A 263 -28.24 -8.81 21.92
C GLU A 263 -26.79 -8.77 22.37
N MET A 264 -26.22 -7.57 22.41
CA MET A 264 -24.91 -7.30 22.98
C MET A 264 -25.04 -6.26 24.09
N GLU A 265 -23.89 -5.77 24.56
CA GLU A 265 -23.84 -4.97 25.78
C GLU A 265 -24.18 -3.51 25.46
N GLU A 266 -24.37 -2.73 26.52
CA GLU A 266 -24.51 -1.28 26.41
C GLU A 266 -23.34 -0.64 25.67
N SER A 267 -22.16 -0.64 26.30
CA SER A 267 -20.98 -0.01 25.72
C SER A 267 -20.59 -0.64 24.38
N GLY A 268 -20.94 -1.91 24.17
CA GLY A 268 -20.68 -2.52 22.87
C GLY A 268 -21.51 -1.89 21.76
N ALA A 269 -22.77 -1.59 22.05
CA ALA A 269 -23.61 -0.92 21.06
C ALA A 269 -23.09 0.48 20.77
N GLN A 270 -22.55 1.15 21.78
CA GLN A 270 -21.93 2.46 21.57
C GLN A 270 -20.73 2.35 20.63
N LEU A 271 -19.86 1.37 20.87
CA LEU A 271 -18.71 1.17 20.00
C LEU A 271 -19.13 0.79 18.58
N LEU A 272 -20.17 -0.01 18.45
CA LEU A 272 -20.66 -0.39 17.12
C LEU A 272 -21.15 0.82 16.31
N LEU A 273 -21.89 1.72 16.95
CA LEU A 273 -22.41 2.89 16.23
C LEU A 273 -21.29 3.83 15.78
N GLU A 274 -20.20 3.91 16.55
CA GLU A 274 -19.08 4.74 16.13
C GLU A 274 -18.35 4.13 14.94
N MET A 275 -18.36 2.80 14.81
CA MET A 275 -17.82 2.18 13.62
C MET A 275 -18.75 2.34 12.42
N LEU A 276 -20.05 2.18 12.62
CA LEU A 276 -21.04 2.34 11.54
C LEU A 276 -21.55 3.77 11.42
N THR A 277 -20.64 4.74 11.40
CA THR A 277 -20.98 6.14 11.20
C THR A 277 -20.94 6.47 9.71
N PHE A 278 -21.98 7.16 9.23
CA PHE A 278 -22.09 7.44 7.79
C PHE A 278 -20.90 8.26 7.32
N ASN A 279 -20.67 9.39 7.95
CA ASN A 279 -19.56 10.28 7.58
C ASN A 279 -18.24 9.60 7.96
N PRO A 280 -17.37 9.26 7.00
CA PRO A 280 -16.12 8.58 7.36
C PRO A 280 -15.16 9.41 8.20
N HIS A 281 -15.27 10.75 8.18
CA HIS A 281 -14.39 11.58 8.98
C HIS A 281 -14.75 11.57 10.46
N LYS A 282 -15.99 11.26 10.81
CA LYS A 282 -16.38 11.11 12.20
C LYS A 282 -16.39 9.66 12.63
N ARG A 283 -16.10 8.74 11.72
CA ARG A 283 -16.07 7.32 12.04
C ARG A 283 -14.88 7.02 12.93
N ILE A 284 -15.10 6.17 13.94
CA ILE A 284 -14.06 5.89 14.92
C ILE A 284 -12.88 5.19 14.22
N SER A 285 -11.67 5.47 14.69
CA SER A 285 -10.49 4.80 14.17
C SER A 285 -10.28 3.46 14.87
N ALA A 286 -9.43 2.63 14.30
CA ALA A 286 -9.10 1.35 14.93
C ALA A 286 -8.40 1.57 16.26
N PHE A 287 -7.56 2.60 16.35
CA PHE A 287 -6.85 2.88 17.59
C PHE A 287 -7.81 3.30 18.69
N ARG A 288 -8.71 4.23 18.39
CA ARG A 288 -9.66 4.69 19.40
C ARG A 288 -10.62 3.59 19.82
N ALA A 289 -10.97 2.68 18.90
CA ALA A 289 -11.84 1.57 19.28
C ALA A 289 -11.14 0.64 20.27
N LEU A 290 -9.83 0.44 20.11
CA LEU A 290 -9.07 -0.37 21.06
C LEU A 290 -9.01 0.27 22.45
N GLN A 291 -9.24 1.58 22.55
CA GLN A 291 -9.25 2.34 23.78
C GLN A 291 -10.67 2.50 24.34
N HIS A 292 -11.65 1.88 23.70
CA HIS A 292 -13.03 1.96 24.13
C HIS A 292 -13.26 1.24 25.45
N SER A 293 -14.25 1.72 26.21
CA SER A 293 -14.56 1.20 27.53
C SER A 293 -14.99 -0.26 27.45
N TYR A 294 -15.55 -0.65 26.31
CA TYR A 294 -16.02 -2.02 26.11
C TYR A 294 -14.84 -3.00 26.16
N LEU A 295 -13.71 -2.62 25.58
CA LEU A 295 -12.52 -3.49 25.60
C LEU A 295 -11.51 -2.96 26.60
N HIS B 11 -16.48 7.96 -10.68
CA HIS B 11 -15.89 7.15 -11.74
C HIS B 11 -14.37 7.11 -11.65
N ALA B 12 -13.75 8.26 -11.40
CA ALA B 12 -12.29 8.36 -11.32
C ALA B 12 -11.90 9.14 -10.06
N PRO B 13 -12.09 8.53 -8.89
CA PRO B 13 -11.77 9.25 -7.65
C PRO B 13 -10.27 9.45 -7.47
N ARG B 14 -9.91 10.51 -6.77
CA ARG B 14 -8.54 10.80 -6.39
C ARG B 14 -8.42 10.73 -4.88
N ALA B 15 -7.25 10.32 -4.39
CA ALA B 15 -7.04 10.18 -2.96
C ALA B 15 -6.90 11.55 -2.30
N GLY B 16 -7.78 11.84 -1.34
CA GLY B 16 -7.63 13.06 -0.58
C GLY B 16 -6.61 12.90 0.53
N PRO B 17 -6.37 14.00 1.25
CA PRO B 17 -5.43 14.00 2.38
C PRO B 17 -6.08 13.40 3.62
N ASP B 18 -5.71 12.17 3.96
CA ASP B 18 -6.30 11.54 5.12
C ASP B 18 -5.69 12.10 6.39
N PRO B 19 -6.44 12.87 7.18
CA PRO B 19 -5.86 13.39 8.44
C PRO B 19 -5.57 12.31 9.47
N ARG B 20 -6.26 11.16 9.38
CA ARG B 20 -5.97 10.05 10.27
C ARG B 20 -4.57 9.50 10.04
N LEU B 21 -4.04 9.65 8.82
CA LEU B 21 -2.68 9.21 8.51
C LEU B 21 -1.64 10.32 8.69
N LEU B 22 -1.89 11.50 8.11
CA LEU B 22 -0.89 12.57 8.16
C LEU B 22 -0.65 13.06 9.57
N GLY B 23 -1.68 13.05 10.41
CA GLY B 23 -1.59 13.54 11.79
C GLY B 23 -1.20 12.52 12.83
N ASP B 24 -1.18 11.23 12.48
CA ASP B 24 -0.81 10.18 13.44
C ASP B 24 0.70 10.02 13.40
N GLN B 25 1.37 10.44 14.47
CA GLN B 25 2.83 10.40 14.50
C GLN B 25 3.38 8.99 14.29
N ARG B 26 2.63 7.96 14.67
CA ARG B 26 3.15 6.60 14.51
C ARG B 26 3.35 6.26 13.04
N VAL B 27 2.54 6.85 12.16
CA VAL B 27 2.66 6.54 10.74
C VAL B 27 4.00 7.05 10.22
N LEU B 28 4.35 8.30 10.55
CA LEU B 28 5.64 8.84 10.16
C LEU B 28 6.78 8.04 10.80
N GLN B 29 6.62 7.69 12.08
CA GLN B 29 7.64 6.88 12.75
C GLN B 29 7.81 5.52 12.07
N SER B 30 6.71 4.95 11.58
CA SER B 30 6.79 3.67 10.87
C SER B 30 7.60 3.79 9.58
N LEU B 31 7.36 4.86 8.80
CA LEU B 31 8.12 5.07 7.58
C LEU B 31 9.60 5.29 7.88
N LEU B 32 9.91 6.06 8.92
CA LEU B 32 11.30 6.32 9.28
C LEU B 32 11.99 5.03 9.65
N ARG B 33 11.27 4.12 10.31
CA ARG B 33 11.85 2.83 10.67
C ARG B 33 12.02 1.94 9.46
N LEU B 34 11.14 2.05 8.47
CA LEU B 34 11.21 1.16 7.31
C LEU B 34 12.24 1.59 6.28
N GLU B 35 12.58 2.89 6.22
CA GLU B 35 13.23 3.43 5.03
C GLU B 35 14.60 2.79 4.82
N GLU B 36 15.36 2.54 5.88
CA GLU B 36 16.70 2.02 5.71
C GLU B 36 16.69 0.64 5.06
N ARG B 37 15.60 -0.09 5.20
CA ARG B 37 15.46 -1.40 4.57
C ARG B 37 15.55 -1.29 3.05
N TYR B 38 15.14 -0.17 2.48
CA TYR B 38 15.08 -0.01 1.04
C TYR B 38 16.22 0.84 0.49
N VAL B 39 17.24 1.14 1.29
CA VAL B 39 18.38 1.88 0.79
C VAL B 39 19.36 0.89 0.16
N PRO B 40 19.77 1.11 -1.08
CA PRO B 40 20.72 0.20 -1.73
C PRO B 40 21.98 0.02 -0.89
N ARG B 41 22.46 -1.22 -0.83
CA ARG B 41 23.53 -1.64 0.07
C ARG B 41 24.74 -0.72 -0.01
N ALA B 42 25.62 -0.94 -0.98
CA ALA B 42 26.77 -0.05 -1.11
C ALA B 42 26.97 0.39 -2.55
N SER B 43 28.07 1.10 -2.81
CA SER B 43 28.34 1.57 -4.17
C SER B 43 28.71 0.36 -5.03
N TYR B 44 27.79 -0.02 -5.93
CA TYR B 44 28.04 -1.19 -6.76
C TYR B 44 29.03 -0.90 -7.89
N PHE B 45 29.35 0.36 -8.16
CA PHE B 45 30.30 0.71 -9.20
C PHE B 45 31.73 0.23 -8.96
N GLN B 46 32.16 -0.03 -7.72
CA GLN B 46 33.58 -0.42 -7.66
C GLN B 46 33.82 -1.93 -7.70
N CYS B 47 32.98 -2.73 -7.05
CA CYS B 47 33.23 -4.15 -6.81
C CYS B 47 32.31 -5.10 -7.57
N VAL B 48 31.10 -4.66 -7.92
CA VAL B 48 30.06 -5.53 -8.45
C VAL B 48 29.85 -5.27 -9.93
N GLN B 49 29.80 -4.01 -10.35
CA GLN B 49 29.56 -3.77 -11.75
C GLN B 49 30.94 -3.46 -12.29
N ARG B 50 31.20 -3.89 -13.51
CA ARG B 50 32.46 -3.59 -14.19
C ARG B 50 32.17 -2.79 -15.44
N GLU B 51 31.38 -3.36 -16.35
CA GLU B 51 31.05 -2.69 -17.59
C GLU B 51 30.22 -1.45 -17.33
N ILE B 52 29.24 -1.53 -16.43
CA ILE B 52 28.30 -0.43 -16.21
C ILE B 52 28.99 0.66 -15.41
N LYS B 53 28.99 1.88 -15.95
CA LYS B 53 29.64 3.04 -15.34
C LYS B 53 28.62 4.05 -14.85
N PRO B 54 29.02 4.96 -13.96
CA PRO B 54 28.04 5.95 -13.43
C PRO B 54 27.36 6.79 -14.50
N HIS B 55 28.10 7.27 -15.50
CA HIS B 55 27.46 8.07 -16.54
C HIS B 55 26.38 7.28 -17.27
N MET B 56 26.56 5.96 -17.39
CA MET B 56 25.54 5.12 -18.01
C MET B 56 24.27 5.11 -17.18
N ARG B 57 24.40 5.08 -15.84
CA ARG B 57 23.22 5.14 -14.99
C ARG B 57 22.50 6.46 -15.17
N LYS B 58 23.23 7.56 -15.26
CA LYS B 58 22.61 8.86 -15.43
C LYS B 58 21.90 8.93 -16.78
N MET B 59 22.51 8.36 -17.82
CA MET B 59 21.87 8.29 -19.12
C MET B 59 20.58 7.49 -19.06
N LEU B 60 20.65 6.32 -18.44
CA LEU B 60 19.45 5.49 -18.30
C LEU B 60 18.38 6.20 -17.47
N ALA B 61 18.79 6.88 -16.40
CA ALA B 61 17.83 7.59 -15.54
C ALA B 61 17.06 8.65 -16.32
N TYR B 62 17.77 9.46 -17.12
CA TYR B 62 17.08 10.48 -17.90
C TYR B 62 16.14 9.84 -18.93
N TRP B 63 16.55 8.72 -19.53
CA TRP B 63 15.66 7.99 -20.42
C TRP B 63 14.41 7.54 -19.68
N MET B 64 14.58 6.94 -18.50
CA MET B 64 13.44 6.48 -17.71
C MET B 64 12.55 7.65 -17.32
N LEU B 65 13.15 8.76 -16.88
CA LEU B 65 12.38 9.94 -16.52
C LEU B 65 11.59 10.47 -17.71
N GLU B 66 12.20 10.46 -18.90
CA GLU B 66 11.48 10.95 -20.08
C GLU B 66 10.27 10.06 -20.39
N VAL B 67 10.44 8.74 -20.30
CA VAL B 67 9.31 7.85 -20.50
C VAL B 67 8.22 8.15 -19.48
N CYS B 68 8.60 8.29 -18.22
CA CYS B 68 7.61 8.56 -17.18
C CYS B 68 6.94 9.91 -17.38
N GLU B 69 7.69 10.91 -17.86
CA GLU B 69 7.09 12.21 -18.14
C GLU B 69 6.16 12.14 -19.35
N GLU B 70 6.62 11.55 -20.45
CA GLU B 70 5.81 11.49 -21.66
C GLU B 70 4.53 10.69 -21.47
N GLN B 71 4.52 9.74 -20.54
CA GLN B 71 3.33 8.96 -20.24
C GLN B 71 2.54 9.50 -19.07
N ARG B 72 3.00 10.59 -18.47
CA ARG B 72 2.29 11.25 -17.36
C ARG B 72 2.06 10.29 -16.20
N CYS B 73 3.09 9.53 -15.84
CA CYS B 73 3.01 8.66 -14.68
C CYS B 73 2.92 9.48 -13.40
N GLU B 74 2.37 8.85 -12.37
CA GLU B 74 2.38 9.45 -11.05
C GLU B 74 3.83 9.72 -10.64
N GLU B 75 4.02 10.71 -9.75
CA GLU B 75 5.37 11.20 -9.46
C GLU B 75 6.26 10.14 -8.83
N GLU B 76 5.68 9.16 -8.13
CA GLU B 76 6.49 8.14 -7.45
C GLU B 76 7.10 7.10 -8.39
N VAL B 77 6.58 6.98 -9.62
CA VAL B 77 6.95 5.83 -10.44
C VAL B 77 8.44 5.87 -10.80
N PHE B 78 8.91 7.02 -11.28
CA PHE B 78 10.31 7.13 -11.68
C PHE B 78 11.28 6.89 -10.53
N PRO B 79 11.19 7.56 -9.38
CA PRO B 79 12.14 7.27 -8.30
C PRO B 79 12.03 5.86 -7.77
N LEU B 80 10.83 5.29 -7.79
CA LEU B 80 10.66 3.89 -7.37
C LEU B 80 11.35 2.95 -8.36
N ALA B 81 11.23 3.22 -9.66
CA ALA B 81 11.92 2.42 -10.65
C ALA B 81 13.43 2.52 -10.47
N MET B 82 13.91 3.72 -10.10
CA MET B 82 15.34 3.88 -9.86
C MET B 82 15.78 3.13 -8.61
N ASN B 83 14.91 3.05 -7.59
CA ASN B 83 15.18 2.22 -6.42
C ASN B 83 15.34 0.75 -6.80
N TYR B 84 14.46 0.23 -7.67
CA TYR B 84 14.60 -1.16 -8.11
C TYR B 84 15.90 -1.34 -8.89
N LEU B 85 16.22 -0.38 -9.78
CA LEU B 85 17.43 -0.45 -10.58
C LEU B 85 18.67 -0.54 -9.70
N ASP B 86 18.80 0.36 -8.72
CA ASP B 86 19.98 0.38 -7.87
C ASP B 86 20.08 -0.88 -7.01
N ARG B 87 18.95 -1.36 -6.49
CA ARG B 87 18.97 -2.57 -5.67
C ARG B 87 19.30 -3.79 -6.52
N TYR B 88 18.84 -3.82 -7.76
CA TYR B 88 19.18 -4.91 -8.66
C TYR B 88 20.67 -4.90 -8.98
N LEU B 89 21.20 -3.73 -9.37
CA LEU B 89 22.63 -3.62 -9.69
C LEU B 89 23.54 -3.81 -8.48
N SER B 90 23.01 -3.70 -7.26
CA SER B 90 23.83 -3.96 -6.08
C SER B 90 24.16 -5.43 -5.90
N CYS B 91 23.40 -6.34 -6.52
CA CYS B 91 23.64 -7.75 -6.29
C CYS B 91 23.61 -8.61 -7.55
N VAL B 92 23.47 -8.02 -8.73
CA VAL B 92 23.49 -8.81 -9.97
C VAL B 92 24.39 -8.11 -10.98
N PRO B 93 25.58 -8.64 -11.23
CA PRO B 93 26.41 -8.12 -12.32
C PRO B 93 25.68 -8.12 -13.65
N THR B 94 25.70 -6.99 -14.34
CA THR B 94 24.90 -6.78 -15.53
C THR B 94 25.77 -6.10 -16.58
N ARG B 95 25.45 -6.36 -17.84
CA ARG B 95 26.20 -5.80 -18.96
C ARG B 95 25.47 -4.61 -19.55
N LYS B 96 26.26 -3.71 -20.15
CA LYS B 96 25.71 -2.45 -20.66
C LYS B 96 24.56 -2.68 -21.63
N ALA B 97 24.67 -3.70 -22.49
CA ALA B 97 23.64 -3.97 -23.49
C ALA B 97 22.30 -4.36 -22.87
N GLN B 98 22.26 -4.68 -21.57
CA GLN B 98 21.02 -5.07 -20.91
C GLN B 98 20.44 -3.95 -20.04
N LEU B 99 21.07 -2.79 -20.01
CA LEU B 99 20.61 -1.72 -19.13
C LEU B 99 19.22 -1.23 -19.49
N GLN B 100 18.98 -0.97 -20.78
CA GLN B 100 17.68 -0.48 -21.20
C GLN B 100 16.57 -1.45 -20.85
N LEU B 101 16.79 -2.75 -21.12
CA LEU B 101 15.78 -3.75 -20.78
C LEU B 101 15.54 -3.78 -19.28
N LEU B 102 16.60 -3.70 -18.49
CA LEU B 102 16.44 -3.68 -17.04
C LEU B 102 15.64 -2.46 -16.60
N GLY B 103 16.01 -1.27 -17.11
CA GLY B 103 15.31 -0.06 -16.73
C GLY B 103 13.83 -0.07 -17.13
N ALA B 104 13.54 -0.63 -18.31
CA ALA B 104 12.15 -0.71 -18.75
C ALA B 104 11.33 -1.56 -17.79
N VAL B 105 11.90 -2.68 -17.34
CA VAL B 105 11.21 -3.57 -16.42
C VAL B 105 11.03 -2.92 -15.05
N CYS B 106 12.03 -2.15 -14.61
CA CYS B 106 11.88 -1.46 -13.33
C CYS B 106 10.72 -0.47 -13.39
N MET B 107 10.58 0.25 -14.50
CA MET B 107 9.44 1.14 -14.65
C MET B 107 8.11 0.37 -14.68
N LEU B 108 8.08 -0.76 -15.38
CA LEU B 108 6.87 -1.56 -15.44
C LEU B 108 6.41 -1.99 -14.05
N LEU B 109 7.32 -2.52 -13.25
CA LEU B 109 6.98 -2.98 -11.90
C LEU B 109 6.56 -1.84 -10.99
N ALA B 110 7.30 -0.72 -11.02
CA ALA B 110 6.94 0.44 -10.20
C ALA B 110 5.56 0.93 -10.58
N SER B 111 5.27 1.00 -11.87
CA SER B 111 3.97 1.46 -12.35
C SER B 111 2.86 0.49 -11.95
N LYS B 112 3.09 -0.82 -12.13
CA LYS B 112 2.09 -1.79 -11.73
C LYS B 112 1.77 -1.69 -10.25
N LEU B 113 2.77 -1.39 -9.43
CA LEU B 113 2.55 -1.30 -7.99
C LEU B 113 1.76 -0.04 -7.61
N ARG B 114 2.07 1.11 -8.20
CA ARG B 114 1.59 2.39 -7.68
C ARG B 114 0.48 3.05 -8.50
N GLU B 115 0.19 2.61 -9.72
CA GLU B 115 -0.69 3.32 -10.61
C GLU B 115 -1.97 2.53 -10.90
N THR B 116 -3.11 3.22 -10.85
CA THR B 116 -4.36 2.55 -11.20
C THR B 116 -4.42 2.24 -12.69
N THR B 117 -3.85 3.11 -13.53
CA THR B 117 -3.69 2.84 -14.96
C THR B 117 -2.20 2.71 -15.27
N PRO B 118 -1.61 1.53 -15.11
CA PRO B 118 -0.15 1.41 -15.19
C PRO B 118 0.37 1.28 -16.62
N LEU B 119 1.68 1.48 -16.75
CA LEU B 119 2.41 1.16 -17.97
C LEU B 119 2.18 -0.30 -18.37
N THR B 120 2.25 -0.55 -19.67
CA THR B 120 2.08 -1.89 -20.20
C THR B 120 3.35 -2.26 -20.98
N ILE B 121 3.53 -3.55 -21.22
CA ILE B 121 4.69 -4.03 -21.97
C ILE B 121 4.71 -3.48 -23.38
N GLU B 122 3.54 -3.36 -24.01
CA GLU B 122 3.48 -2.80 -25.37
C GLU B 122 3.86 -1.32 -25.39
N LYS B 123 3.49 -0.55 -24.38
CA LYS B 123 3.85 0.87 -24.33
C LYS B 123 5.36 1.03 -24.17
N LEU B 124 5.99 0.17 -23.35
CA LEU B 124 7.43 0.27 -23.15
C LEU B 124 8.20 -0.03 -24.42
N CYS B 125 7.62 -0.83 -25.32
CA CYS B 125 8.26 -1.13 -26.58
C CYS B 125 8.30 0.09 -27.51
N ILE B 126 7.52 1.13 -27.23
CA ILE B 126 7.64 2.38 -27.98
C ILE B 126 9.02 3.00 -27.76
N TYR B 127 9.52 2.93 -26.52
CA TYR B 127 10.69 3.69 -26.10
C TYR B 127 11.95 2.84 -26.08
N THR B 128 11.82 1.53 -26.02
CA THR B 128 12.97 0.65 -26.08
C THR B 128 13.38 0.54 -27.53
N ASP B 129 14.64 0.19 -27.77
CA ASP B 129 14.98 0.05 -29.17
C ASP B 129 14.23 -1.15 -29.73
N HIS B 130 14.08 -1.16 -31.05
CA HIS B 130 13.16 -2.10 -31.69
C HIS B 130 13.58 -3.56 -31.51
N ALA B 131 14.85 -3.82 -31.19
CA ALA B 131 15.30 -5.20 -30.98
C ALA B 131 14.74 -5.82 -29.71
N VAL B 132 14.32 -5.00 -28.72
CA VAL B 132 13.74 -5.50 -27.49
C VAL B 132 12.31 -5.96 -27.79
N SER B 133 11.93 -7.13 -27.27
CA SER B 133 10.64 -7.72 -27.54
C SER B 133 9.79 -7.87 -26.28
N PRO B 134 8.48 -8.06 -26.42
CA PRO B 134 7.64 -8.34 -25.25
C PRO B 134 8.03 -9.58 -24.47
N ARG B 135 8.55 -10.61 -25.15
CA ARG B 135 8.98 -11.81 -24.43
C ARG B 135 10.11 -11.49 -23.46
N GLN B 136 11.10 -10.73 -23.92
CA GLN B 136 12.22 -10.36 -23.06
C GLN B 136 11.73 -9.56 -21.86
N LEU B 137 10.80 -8.63 -22.07
CA LEU B 137 10.28 -7.84 -20.97
C LEU B 137 9.55 -8.72 -19.96
N ARG B 138 8.73 -9.67 -20.45
CA ARG B 138 8.09 -10.61 -19.55
C ARG B 138 9.12 -11.42 -18.78
N ASP B 139 10.18 -11.88 -19.47
CA ASP B 139 11.20 -12.67 -18.80
C ASP B 139 11.94 -11.85 -17.76
N TRP B 140 12.26 -10.60 -18.07
CA TRP B 140 13.04 -9.80 -17.13
C TRP B 140 12.20 -9.30 -15.96
N GLU B 141 10.89 -9.13 -16.16
CA GLU B 141 10.02 -8.82 -15.03
C GLU B 141 10.13 -9.89 -13.96
N VAL B 142 10.06 -11.16 -14.37
CA VAL B 142 10.19 -12.27 -13.44
C VAL B 142 11.58 -12.30 -12.82
N LEU B 143 12.61 -12.07 -13.64
CA LEU B 143 13.98 -12.11 -13.12
C LEU B 143 14.19 -11.02 -12.07
N VAL B 144 13.76 -9.80 -12.38
CA VAL B 144 13.95 -8.70 -11.44
C VAL B 144 13.14 -8.92 -10.17
N LEU B 145 11.89 -9.37 -10.29
CA LEU B 145 11.11 -9.71 -9.11
C LEU B 145 11.86 -10.71 -8.24
N GLY B 146 12.42 -11.75 -8.86
CA GLY B 146 13.12 -12.76 -8.09
C GLY B 146 14.32 -12.20 -7.37
N LYS B 147 15.11 -11.38 -8.05
CA LYS B 147 16.32 -10.86 -7.43
C LYS B 147 16.01 -9.82 -6.36
N LEU B 148 14.91 -9.09 -6.49
CA LEU B 148 14.49 -8.15 -5.45
C LEU B 148 13.59 -8.80 -4.42
N LYS B 149 13.41 -10.12 -4.50
CA LYS B 149 12.55 -10.87 -3.59
C LYS B 149 11.13 -10.31 -3.54
N TRP B 150 10.67 -9.77 -4.66
CA TRP B 150 9.33 -9.19 -4.79
C TRP B 150 9.08 -8.06 -3.80
N ASP B 151 10.14 -7.50 -3.21
CA ASP B 151 10.01 -6.48 -2.17
C ASP B 151 9.97 -5.11 -2.84
N LEU B 152 8.82 -4.83 -3.46
CA LEU B 152 8.69 -3.66 -4.31
C LEU B 152 8.07 -2.45 -3.61
N ALA B 153 7.38 -2.63 -2.48
CA ALA B 153 6.73 -1.51 -1.79
C ALA B 153 7.76 -0.73 -0.98
N ALA B 154 8.78 -0.26 -1.68
CA ALA B 154 9.84 0.51 -1.06
C ALA B 154 9.31 1.87 -0.59
N VAL B 155 9.95 2.40 0.44
CA VAL B 155 9.74 3.78 0.85
C VAL B 155 10.73 4.65 0.09
N ILE B 156 10.21 5.62 -0.66
CA ILE B 156 11.02 6.56 -1.41
C ILE B 156 10.69 7.97 -0.91
N ALA B 157 11.49 8.93 -1.36
CA ALA B 157 11.42 10.28 -0.81
C ALA B 157 10.03 10.89 -0.96
N HIS B 158 9.37 10.67 -2.10
CA HIS B 158 8.05 11.24 -2.33
C HIS B 158 7.05 10.83 -1.25
N ASP B 159 7.19 9.63 -0.68
CA ASP B 159 6.27 9.18 0.36
C ASP B 159 6.27 10.08 1.60
N PHE B 160 7.36 10.82 1.84
CA PHE B 160 7.44 11.70 2.99
C PHE B 160 6.88 13.08 2.73
N LEU B 161 6.71 13.43 1.45
CA LEU B 161 6.35 14.79 1.06
C LEU B 161 5.10 15.27 1.78
N ALA B 162 4.00 14.52 1.69
CA ALA B 162 2.75 14.95 2.31
C ALA B 162 2.87 15.02 3.84
N PHE B 163 3.65 14.13 4.46
CA PHE B 163 3.80 14.16 5.91
C PHE B 163 4.54 15.40 6.37
N ILE B 164 5.58 15.79 5.65
CA ILE B 164 6.37 16.95 6.04
C ILE B 164 5.56 18.22 5.82
N LEU B 165 4.92 18.34 4.66
CA LEU B 165 4.11 19.53 4.36
C LEU B 165 2.96 19.69 5.35
N HIS B 166 2.45 18.57 5.86
CA HIS B 166 1.38 18.66 6.86
C HIS B 166 1.87 19.34 8.12
N ARG B 167 3.18 19.28 8.38
CA ARG B 167 3.73 19.87 9.59
C ARG B 167 4.22 21.29 9.38
N LEU B 168 3.97 21.86 8.20
CA LEU B 168 4.16 23.29 7.97
C LEU B 168 2.81 23.98 8.06
N SER B 169 2.77 25.16 8.66
CA SER B 169 1.50 25.85 8.79
C SER B 169 1.16 26.68 7.56
N LEU B 170 2.03 26.68 6.54
CA LEU B 170 1.69 27.22 5.23
C LEU B 170 0.37 26.62 4.74
N PRO B 171 -0.63 27.44 4.44
CA PRO B 171 -1.94 26.90 4.02
C PRO B 171 -1.87 25.91 2.86
N ARG B 172 -2.91 25.07 2.78
CA ARG B 172 -2.95 24.00 1.78
C ARG B 172 -2.80 24.54 0.36
N ASP B 173 -3.45 25.67 0.05
CA ASP B 173 -3.36 26.22 -1.29
C ASP B 173 -1.96 26.78 -1.57
N ARG B 174 -1.36 27.45 -0.60
CA ARG B 174 -0.03 28.01 -0.84
C ARG B 174 1.02 26.92 -0.98
N GLN B 175 0.70 25.67 -0.67
CA GLN B 175 1.64 24.58 -0.85
C GLN B 175 1.74 24.12 -2.30
N ALA B 176 0.83 24.56 -3.18
CA ALA B 176 0.71 23.98 -4.51
C ALA B 176 2.04 24.10 -5.26
N LEU B 177 2.62 25.30 -5.25
CA LEU B 177 3.86 25.56 -5.96
C LEU B 177 5.06 24.97 -5.24
N VAL B 178 5.03 24.98 -3.90
CA VAL B 178 6.08 24.31 -3.15
C VAL B 178 6.16 22.83 -3.55
N LYS B 179 5.01 22.16 -3.58
CA LYS B 179 4.97 20.74 -3.95
C LYS B 179 5.51 20.52 -5.36
N LYS B 180 5.04 21.34 -6.32
CA LYS B 180 5.48 21.20 -7.70
C LYS B 180 6.99 21.36 -7.78
N HIS B 181 7.52 22.41 -7.16
CA HIS B 181 8.95 22.67 -7.22
C HIS B 181 9.75 21.57 -6.51
N ALA B 182 9.26 21.10 -5.36
CA ALA B 182 9.95 20.01 -4.67
C ALA B 182 10.00 18.76 -5.53
N GLN B 183 8.96 18.51 -6.32
CA GLN B 183 8.96 17.34 -7.21
C GLN B 183 10.09 17.41 -8.22
N THR B 184 10.45 18.61 -8.68
CA THR B 184 11.59 18.74 -9.59
C THR B 184 12.87 18.28 -8.90
N PHE B 185 13.07 18.68 -7.63
CA PHE B 185 14.26 18.26 -6.89
C PHE B 185 14.24 16.75 -6.62
N LEU B 186 13.06 16.16 -6.37
CA LEU B 186 12.99 14.72 -6.11
C LEU B 186 13.40 13.91 -7.33
N ALA B 187 12.94 14.32 -8.52
CA ALA B 187 13.33 13.64 -9.74
C ALA B 187 14.82 13.81 -10.01
N LEU B 188 15.35 15.02 -9.77
CA LEU B 188 16.77 15.29 -9.95
C LEU B 188 17.62 14.34 -9.12
N CYS B 189 17.29 14.20 -7.83
CA CYS B 189 18.07 13.34 -6.95
C CYS B 189 18.10 11.90 -7.45
N ALA B 190 16.99 11.39 -7.99
CA ALA B 190 16.94 10.02 -8.49
C ALA B 190 17.83 9.82 -9.73
N THR B 191 18.05 10.87 -10.50
CA THR B 191 18.93 10.79 -11.67
C THR B 191 20.39 10.81 -11.29
N ASP B 192 20.72 11.23 -10.08
CA ASP B 192 22.09 11.55 -9.67
C ASP B 192 22.55 10.49 -8.67
N TYR B 193 23.61 9.75 -9.00
CA TYR B 193 24.01 8.64 -8.16
C TYR B 193 24.54 9.09 -6.80
N THR B 194 25.00 10.34 -6.67
CA THR B 194 25.51 10.79 -5.38
C THR B 194 24.44 10.80 -4.30
N PHE B 195 23.15 10.81 -4.66
CA PHE B 195 22.06 10.75 -3.70
C PHE B 195 21.50 9.34 -3.50
N ALA B 196 22.07 8.35 -4.20
CA ALA B 196 21.44 7.03 -4.26
C ALA B 196 21.39 6.37 -2.90
N MET B 197 22.32 6.74 -2.00
CA MET B 197 22.39 6.11 -0.69
C MET B 197 21.96 7.06 0.44
N TYR B 198 21.40 8.23 0.10
CA TYR B 198 20.85 9.04 1.18
C TYR B 198 19.52 8.43 1.62
N PRO B 199 19.19 8.52 2.91
CA PRO B 199 17.88 8.07 3.37
C PRO B 199 16.79 8.84 2.65
N PRO B 200 15.75 8.16 2.17
CA PRO B 200 14.67 8.88 1.47
C PRO B 200 14.11 10.06 2.26
N SER B 201 14.04 9.97 3.59
CA SER B 201 13.52 11.09 4.38
C SER B 201 14.43 12.32 4.28
N MET B 202 15.74 12.13 4.08
CA MET B 202 16.64 13.28 3.93
C MET B 202 16.51 13.89 2.53
N ILE B 203 16.38 13.06 1.49
CA ILE B 203 16.11 13.61 0.17
C ILE B 203 14.80 14.40 0.16
N ALA B 204 13.79 13.90 0.87
CA ALA B 204 12.52 14.58 0.91
C ALA B 204 12.63 15.92 1.64
N THR B 205 13.26 15.93 2.81
CA THR B 205 13.36 17.19 3.56
C THR B 205 14.32 18.16 2.87
N GLY B 206 15.39 17.65 2.28
CA GLY B 206 16.29 18.51 1.52
C GLY B 206 15.61 19.13 0.31
N SER B 207 14.77 18.35 -0.39
CA SER B 207 14.07 18.88 -1.56
C SER B 207 13.03 19.90 -1.15
N ILE B 208 12.33 19.63 -0.04
CA ILE B 208 11.38 20.60 0.48
C ILE B 208 12.09 21.87 0.92
N GLY B 209 13.21 21.72 1.61
CA GLY B 209 13.96 22.89 2.02
C GLY B 209 14.44 23.72 0.85
N ALA B 210 14.97 23.06 -0.18
CA ALA B 210 15.42 23.79 -1.37
C ALA B 210 14.25 24.47 -2.07
N ALA B 211 13.10 23.80 -2.12
CA ALA B 211 11.93 24.36 -2.78
C ALA B 211 11.37 25.55 -2.03
N VAL B 212 11.21 25.42 -0.70
CA VAL B 212 10.64 26.50 0.07
C VAL B 212 11.57 27.71 0.08
N GLN B 213 12.88 27.48 0.15
CA GLN B 213 13.83 28.58 0.08
C GLN B 213 13.84 29.22 -1.31
N GLY B 214 13.84 28.42 -2.36
CA GLY B 214 13.83 28.96 -3.71
C GLY B 214 12.60 29.79 -4.03
N LEU B 215 11.51 29.59 -3.30
CA LEU B 215 10.27 30.33 -3.48
C LEU B 215 10.08 31.44 -2.45
N GLY B 216 10.93 31.49 -1.42
CA GLY B 216 10.75 32.40 -0.30
C GLY B 216 9.40 32.30 0.39
N MET B 220 10.18 32.54 10.55
CA MET B 220 10.26 32.10 9.16
C MET B 220 11.58 32.55 8.53
N SER B 221 12.64 31.78 8.77
CA SER B 221 13.92 31.95 8.07
C SER B 221 14.45 30.59 7.63
N GLY B 222 15.54 30.63 6.85
CA GLY B 222 16.15 29.40 6.38
C GLY B 222 16.72 28.52 7.48
N ASP B 223 17.34 29.13 8.50
CA ASP B 223 17.89 28.32 9.58
C ASP B 223 16.79 27.69 10.42
N GLU B 224 15.74 28.47 10.73
CA GLU B 224 14.62 27.92 11.49
C GLU B 224 13.95 26.80 10.70
N LEU B 225 13.82 26.98 9.38
CA LEU B 225 13.19 25.95 8.56
C LEU B 225 14.05 24.69 8.53
N THR B 226 15.36 24.84 8.34
CA THR B 226 16.25 23.68 8.37
C THR B 226 16.15 22.98 9.73
N GLU B 227 16.10 23.76 10.80
CA GLU B 227 15.92 23.21 12.14
C GLU B 227 14.64 22.41 12.24
N LEU B 228 13.54 22.99 11.73
CA LEU B 228 12.25 22.30 11.75
C LEU B 228 12.27 21.03 10.91
N LEU B 229 12.73 21.14 9.66
CA LEU B 229 12.78 19.98 8.77
C LEU B 229 13.61 18.85 9.37
N ALA B 230 14.73 19.17 10.04
CA ALA B 230 15.53 18.15 10.69
C ALA B 230 14.79 17.56 11.87
N GLY B 231 14.12 18.40 12.67
CA GLY B 231 13.40 17.89 13.83
C GLY B 231 12.27 16.96 13.44
N ILE B 232 11.62 17.23 12.29
CA ILE B 232 10.50 16.41 11.86
C ILE B 232 10.94 14.96 11.67
N THR B 233 12.14 14.75 11.13
CA THR B 233 12.65 13.42 10.83
C THR B 233 13.72 12.92 11.78
N GLY B 234 14.09 13.66 12.81
CA GLY B 234 15.12 13.17 13.72
C GLY B 234 16.51 13.18 13.10
N THR B 235 16.75 14.07 12.14
CA THR B 235 18.01 14.20 11.44
C THR B 235 18.87 15.28 12.06
N GLU B 236 20.18 15.11 11.98
CA GLU B 236 21.10 16.15 12.41
C GLU B 236 20.95 17.38 11.51
N VAL B 237 20.99 18.56 12.11
CA VAL B 237 20.73 19.80 11.36
C VAL B 237 21.83 20.02 10.32
N ASP B 238 23.09 19.85 10.74
CA ASP B 238 24.23 20.01 9.83
C ASP B 238 24.17 19.03 8.68
N CYS B 239 23.66 17.81 8.92
CA CYS B 239 23.54 16.84 7.83
C CYS B 239 22.46 17.25 6.85
N LEU B 240 21.34 17.77 7.35
CA LEU B 240 20.30 18.24 6.43
C LEU B 240 20.78 19.44 5.63
N ARG B 241 21.52 20.35 6.27
CA ARG B 241 22.01 21.53 5.56
C ARG B 241 22.95 21.14 4.41
N ALA B 242 23.86 20.21 4.66
CA ALA B 242 24.76 19.75 3.61
C ALA B 242 24.00 19.03 2.49
N CYS B 243 22.99 18.22 2.83
CA CYS B 243 22.23 17.56 1.78
C CYS B 243 21.47 18.57 0.92
N GLN B 244 20.84 19.58 1.54
CA GLN B 244 20.10 20.57 0.77
C GLN B 244 21.03 21.35 -0.16
N GLU B 245 22.24 21.68 0.32
CA GLU B 245 23.19 22.40 -0.53
C GLU B 245 23.65 21.53 -1.69
N GLN B 246 23.83 20.22 -1.45
CA GLN B 246 24.17 19.31 -2.54
C GLN B 246 23.03 19.22 -3.55
N ILE B 247 21.79 19.16 -3.06
CA ILE B 247 20.64 19.10 -3.97
C ILE B 247 20.60 20.35 -4.84
N GLU B 248 20.75 21.52 -4.22
CA GLU B 248 20.74 22.77 -4.97
C GLU B 248 21.87 22.82 -6.00
N ALA B 249 23.06 22.39 -5.60
CA ALA B 249 24.20 22.38 -6.52
C ALA B 249 23.97 21.40 -7.67
N ALA B 250 23.40 20.23 -7.39
CA ALA B 250 23.17 19.25 -8.45
C ALA B 250 22.22 19.80 -9.51
N LEU B 251 21.19 20.53 -9.09
CA LEU B 251 20.25 21.13 -10.04
C LEU B 251 20.97 22.12 -10.96
N ARG B 252 21.75 23.04 -10.37
CA ARG B 252 22.44 24.05 -11.16
C ARG B 252 23.47 23.44 -12.10
N GLU B 253 23.99 22.26 -11.77
CA GLU B 253 25.04 21.61 -12.53
C GLU B 253 24.58 20.36 -13.27
N SER B 254 23.27 20.10 -13.33
CA SER B 254 22.75 18.87 -13.93
C SER B 254 23.12 18.71 -15.40
N LEU B 255 23.81 19.69 -15.97
CA LEU B 255 24.29 19.63 -17.34
C LEU B 255 25.08 18.34 -17.62
C1 6ZV C . -14.60 -24.26 2.38
C2 6ZV C . -5.54 -20.29 5.46
C3 6ZV C . -14.17 -24.96 1.10
C4 6ZV C . -4.81 -18.52 4.12
C5 6ZV C . -3.60 -18.50 4.86
C6 6ZV C . -3.43 -19.43 5.92
N2 6ZV C . -13.96 -24.93 3.56
C10 6ZV C . -9.89 -20.46 4.68
C 6ZV C . -8.52 -20.41 4.82
C17 6ZV C . -6.45 -17.58 2.60
C21 6ZV C . -4.14 -16.88 2.36
C12 6ZV C . -9.94 -22.23 6.27
C16 6ZV C . -5.13 -17.63 3.00
C11 6ZV C . -10.64 -21.38 5.40
C19 6ZV C . -5.77 -15.98 0.87
C18 6ZV C . -6.76 -16.75 1.53
C20 6ZV C . -4.45 -16.05 1.30
C8 6ZV C . -7.90 -21.31 5.71
C23 6ZV C . -7.64 -15.51 -0.15
C31 6ZV C . -14.05 -22.90 4.99
C35 6ZV C . -12.06 -23.30 3.67
C32 6ZV C . -14.49 -24.37 4.85
C34 6ZV C . -12.47 -24.80 3.51
C25 6ZV C . -8.63 -14.94 -1.09
C27 6ZV C . -9.69 -16.73 2.62
C28 6ZV C . -9.32 -18.48 0.86
C14 6ZV C . -12.13 -21.43 5.25
C26 6ZV C . -9.29 -16.99 1.15
N 6ZV C . -8.60 -22.23 6.44
N1 6ZV C . -4.38 -20.33 6.23
N24 6ZV C . -6.32 -15.21 -0.17
N3 6ZV C . -5.78 -19.42 4.41
N22 6ZV C . -7.97 -16.44 0.86
N30 6ZV C . -12.57 -22.82 4.99
N7 6ZV C . -6.48 -21.26 5.86
F29 6ZV C . -3.51 -15.34 0.70
F15 6ZV C . -2.63 -17.64 4.61
#